data_2ZYU
#
_entry.id   2ZYU
#
_cell.length_a   152.867
_cell.length_b   66.573
_cell.length_c   42.557
_cell.angle_alpha   90.00
_cell.angle_beta   106.10
_cell.angle_gamma   90.00
#
_symmetry.space_group_name_H-M   'C 1 2 1'
#
loop_
_entity.id
_entity.type
_entity.pdbx_description
1 polymer 'Tyrosine-ester sulfotransferase'
2 non-polymer "3'-PHOSPHATE-ADENOSINE-5'-PHOSPHATE SULFATE"
3 non-polymer '4-nitrophenyl sulfate'
4 non-polymer GLYCEROL
5 water water
#
_entity_poly.entity_id   1
_entity_poly.type   'polypeptide(L)'
_entity_poly.pdbx_seq_one_letter_code
;MDNKLDVFRRELVDVEGIPLFWSIAEHWSQVESFEARPDDILISTYPKSGTTWVSEILDLIYNNGDAEKCKRDAIYKRVP
FMELIIPGITNGVEMLNNMPSPRIVKTHLPVQLLPSSFWKNDCKIIYVARNAKDVVVSYYYFYQMAKIHPEPGTWEEFLE
KFMAGQVSFGPWYDHVKSWWEKRKEYRILYLFYEDMKENPKCEIQKILKFLEKDIPEEILNKILYHSSFSVMKENPSANY
TTMMKEEMDHSVSPFMRKGISGDWKNQFTVAQYEKFEEDYVKKMEDSTLKFRSEI
;
_entity_poly.pdbx_strand_id   X
#
loop_
_chem_comp.id
_chem_comp.type
_chem_comp.name
_chem_comp.formula
4NS non-polymer '4-nitrophenyl sulfate' 'C6 H5 N O6 S'
GOL non-polymer GLYCEROL 'C3 H8 O3'
PPS non-polymer '3'-PHOSPHATE-ADENOSINE-5'-PHOSPHATE SULFATE' 'C10 H15 N5 O13 P2 S'
#
# COMPACT_ATOMS: atom_id res chain seq x y z
N ASP A 6 2.04 14.96 21.30
CA ASP A 6 2.84 14.40 20.17
C ASP A 6 2.10 13.24 19.45
N VAL A 7 1.55 13.52 18.26
CA VAL A 7 0.80 12.49 17.51
C VAL A 7 1.71 11.39 16.94
N PHE A 8 3.00 11.67 16.93
CA PHE A 8 3.98 10.78 16.29
C PHE A 8 4.63 9.83 17.28
N ARG A 9 5.16 8.73 16.73
CA ARG A 9 5.96 7.76 17.49
C ARG A 9 5.27 7.04 18.63
N ARG A 10 3.94 7.04 18.64
CA ARG A 10 3.24 6.31 19.68
C ARG A 10 3.26 4.81 19.45
N GLU A 11 2.99 4.06 20.52
CA GLU A 11 2.72 2.65 20.37
C GLU A 11 1.47 2.46 19.52
N LEU A 12 1.48 1.38 18.76
CA LEU A 12 0.30 0.95 18.02
C LEU A 12 -0.78 0.47 18.98
N VAL A 13 -2.00 0.51 18.49
CA VAL A 13 -3.15 0.14 19.28
C VAL A 13 -3.85 -0.96 18.51
N ASP A 14 -4.10 -2.07 19.19
CA ASP A 14 -4.80 -3.23 18.62
CA ASP A 14 -4.71 -3.15 18.48
C ASP A 14 -6.19 -2.85 18.19
N VAL A 15 -6.55 -3.12 16.94
CA VAL A 15 -7.90 -2.94 16.47
C VAL A 15 -8.31 -4.28 15.92
N GLU A 16 -9.27 -4.91 16.58
CA GLU A 16 -9.74 -6.24 16.18
C GLU A 16 -8.59 -7.12 15.81
N GLY A 17 -7.60 -7.16 16.69
CA GLY A 17 -6.46 -8.04 16.55
C GLY A 17 -5.25 -7.52 15.80
N ILE A 18 -5.34 -6.32 15.23
CA ILE A 18 -4.30 -5.80 14.34
C ILE A 18 -3.74 -4.49 14.90
N PRO A 19 -2.41 -4.38 14.97
CA PRO A 19 -1.88 -3.14 15.48
C PRO A 19 -2.06 -2.04 14.45
N LEU A 20 -2.76 -0.98 14.86
CA LEU A 20 -2.90 0.17 14.00
C LEU A 20 -2.44 1.41 14.73
N PHE A 21 -2.23 2.46 13.96
CA PHE A 21 -1.91 3.76 14.55
C PHE A 21 -2.96 4.13 15.55
N TRP A 22 -2.51 4.72 16.64
CA TRP A 22 -3.39 5.06 17.74
C TRP A 22 -4.61 5.84 17.25
N SER A 23 -4.41 6.71 16.26
CA SER A 23 -5.46 7.63 15.83
C SER A 23 -6.44 6.93 14.91
N ILE A 24 -5.98 5.91 14.20
CA ILE A 24 -6.88 5.04 13.44
C ILE A 24 -7.76 4.26 14.41
N ALA A 25 -7.15 3.65 15.42
CA ALA A 25 -7.90 2.93 16.43
C ALA A 25 -8.92 3.83 17.12
N GLU A 26 -8.50 5.03 17.46
CA GLU A 26 -9.35 5.99 18.13
C GLU A 26 -10.54 6.40 17.26
N HIS A 27 -10.37 6.36 15.94
CA HIS A 27 -11.43 6.71 15.02
C HIS A 27 -11.92 5.52 14.25
N TRP A 28 -11.80 4.35 14.86
CA TRP A 28 -12.10 3.12 14.16
C TRP A 28 -13.54 3.06 13.66
N SER A 29 -14.48 3.56 14.46
CA SER A 29 -15.87 3.49 14.01
C SER A 29 -16.09 4.26 12.72
N GLN A 30 -15.36 5.34 12.50
CA GLN A 30 -15.44 6.13 11.27
C GLN A 30 -14.95 5.31 10.09
N VAL A 31 -13.96 4.49 10.35
CA VAL A 31 -13.39 3.66 9.31
C VAL A 31 -14.31 2.49 9.04
N GLU A 32 -14.69 1.76 10.09
CA GLU A 32 -15.59 0.59 10.02
CA GLU A 32 -15.52 0.59 9.87
C GLU A 32 -16.86 0.91 9.23
N SER A 33 -17.38 2.12 9.46
CA SER A 33 -18.63 2.55 8.82
C SER A 33 -18.41 3.27 7.50
N PHE A 34 -17.18 3.25 7.00
CA PHE A 34 -16.90 3.92 5.75
C PHE A 34 -17.87 3.51 4.66
N GLU A 35 -18.35 4.50 3.93
CA GLU A 35 -19.30 4.24 2.88
C GLU A 35 -18.58 4.18 1.55
N ALA A 36 -18.42 2.96 1.06
CA ALA A 36 -17.88 2.73 -0.27
C ALA A 36 -18.96 3.02 -1.33
N ARG A 37 -18.53 3.08 -2.58
CA ARG A 37 -19.45 3.30 -3.70
C ARG A 37 -19.16 2.20 -4.73
N PRO A 38 -20.15 1.82 -5.55
CA PRO A 38 -19.91 0.67 -6.43
C PRO A 38 -18.74 0.84 -7.40
N ASP A 39 -18.45 2.07 -7.77
CA ASP A 39 -17.41 2.31 -8.76
C ASP A 39 -16.09 2.75 -8.12
N ASP A 40 -16.03 2.70 -6.80
CA ASP A 40 -14.75 2.88 -6.11
C ASP A 40 -13.81 1.83 -6.63
N ILE A 41 -12.57 2.23 -6.90
CA ILE A 41 -11.52 1.25 -7.07
C ILE A 41 -10.67 1.29 -5.82
N LEU A 42 -10.65 0.17 -5.12
CA LEU A 42 -9.87 0.06 -3.90
C LEU A 42 -8.50 -0.47 -4.26
N ILE A 43 -7.47 0.29 -3.91
CA ILE A 43 -6.13 -0.22 -4.01
C ILE A 43 -5.78 -0.68 -2.62
N SER A 44 -5.53 -1.96 -2.49
CA SER A 44 -5.33 -2.55 -1.19
C SER A 44 -3.97 -3.19 -1.18
N THR A 45 -3.17 -2.84 -0.18
CA THR A 45 -1.83 -3.38 -0.13
C THR A 45 -1.42 -3.48 1.30
N TYR A 46 -0.54 -4.43 1.56
CA TYR A 46 0.22 -4.36 2.79
C TYR A 46 1.15 -3.17 2.61
N PRO A 47 1.43 -2.41 3.68
CA PRO A 47 2.33 -1.28 3.46
C PRO A 47 3.57 -1.63 2.64
N LYS A 48 3.97 -0.72 1.77
CA LYS A 48 5.25 -0.77 1.03
C LYS A 48 5.23 -1.75 -0.10
N SER A 49 4.03 -2.10 -0.56
CA SER A 49 3.91 -3.18 -1.52
C SER A 49 3.65 -2.66 -2.93
N GLY A 50 3.54 -1.34 -3.07
CA GLY A 50 3.37 -0.79 -4.42
C GLY A 50 2.15 0.05 -4.53
N THR A 51 1.63 0.47 -3.38
CA THR A 51 0.40 1.22 -3.32
C THR A 51 0.51 2.49 -4.19
N THR A 52 1.57 3.25 -4.01
CA THR A 52 1.68 4.56 -4.65
C THR A 52 1.83 4.37 -6.14
N TRP A 53 2.59 3.34 -6.50
CA TRP A 53 2.83 3.05 -7.89
C TRP A 53 1.52 2.77 -8.57
N VAL A 54 0.73 1.87 -7.99
CA VAL A 54 -0.56 1.56 -8.59
C VAL A 54 -1.53 2.72 -8.53
N SER A 55 -1.50 3.50 -7.44
CA SER A 55 -2.35 4.68 -7.34
C SER A 55 -2.05 5.68 -8.46
N GLU A 56 -0.77 5.88 -8.75
CA GLU A 56 -0.38 6.80 -9.83
C GLU A 56 -0.86 6.24 -11.16
N ILE A 57 -0.66 4.95 -11.34
CA ILE A 57 -1.11 4.28 -12.57
C ILE A 57 -2.58 4.48 -12.76
N LEU A 58 -3.36 4.19 -11.71
CA LEU A 58 -4.80 4.37 -11.76
C LEU A 58 -5.16 5.79 -12.08
N ASP A 59 -4.50 6.74 -11.43
CA ASP A 59 -4.83 8.12 -11.68
C ASP A 59 -4.46 8.57 -13.09
N LEU A 60 -3.33 8.09 -13.59
CA LEU A 60 -2.94 8.31 -14.99
C LEU A 60 -3.97 7.71 -15.93
N ILE A 61 -4.40 6.47 -15.65
CA ILE A 61 -5.46 5.83 -16.45
C ILE A 61 -6.72 6.69 -16.46
N TYR A 62 -7.15 7.11 -15.28
CA TYR A 62 -8.36 7.92 -15.14
C TYR A 62 -8.24 9.26 -15.82
N ASN A 63 -7.00 9.72 -16.04
CA ASN A 63 -6.75 11.00 -16.71
C ASN A 63 -6.14 10.84 -18.08
N ASN A 64 -6.27 9.64 -18.63
CA ASN A 64 -5.81 9.33 -19.98
C ASN A 64 -4.35 9.71 -20.24
N GLY A 65 -3.51 9.44 -19.24
CA GLY A 65 -2.08 9.67 -19.35
C GLY A 65 -1.67 11.12 -19.20
N ASP A 66 -2.63 11.99 -18.89
CA ASP A 66 -2.32 13.42 -18.78
C ASP A 66 -1.52 13.71 -17.52
N ALA A 67 -0.20 13.87 -17.69
CA ALA A 67 0.71 14.18 -16.59
C ALA A 67 0.33 15.41 -15.79
N GLU A 68 -0.11 16.48 -16.47
CA GLU A 68 -0.46 17.71 -15.75
C GLU A 68 -1.66 17.49 -14.85
N LYS A 69 -2.66 16.80 -15.38
CA LYS A 69 -3.86 16.50 -14.62
C LYS A 69 -3.52 15.68 -13.38
N CYS A 70 -2.55 14.78 -13.52
CA CYS A 70 -2.14 13.96 -12.37
C CYS A 70 -1.26 14.73 -11.40
N LYS A 71 -0.99 15.99 -11.74
CA LYS A 71 -0.23 16.88 -10.87
C LYS A 71 -1.13 17.91 -10.19
N ARG A 72 -2.44 17.75 -10.35
CA ARG A 72 -3.43 18.60 -9.69
C ARG A 72 -3.25 18.58 -8.18
N ASP A 73 -2.79 17.45 -7.63
CA ASP A 73 -2.46 17.38 -6.22
C ASP A 73 -1.55 16.20 -5.94
N ALA A 74 -1.08 16.13 -4.71
CA ALA A 74 -0.24 15.03 -4.26
C ALA A 74 -1.06 13.74 -4.30
N ILE A 75 -0.37 12.63 -4.50
CA ILE A 75 -1.00 11.33 -4.65
C ILE A 75 -1.86 11.00 -3.45
N TYR A 76 -1.41 11.42 -2.26
CA TYR A 76 -2.13 11.06 -1.03
C TYR A 76 -3.44 11.85 -0.89
N LYS A 77 -3.63 12.84 -1.75
CA LYS A 77 -4.90 13.56 -1.83
C LYS A 77 -5.73 13.06 -3.01
N ARG A 78 -5.04 12.69 -4.09
CA ARG A 78 -5.69 12.18 -5.30
C ARG A 78 -6.22 10.79 -5.01
N VAL A 79 -5.48 10.05 -4.19
CA VAL A 79 -5.86 8.69 -3.87
C VAL A 79 -5.78 8.54 -2.35
N PRO A 80 -6.85 8.96 -1.64
CA PRO A 80 -6.82 9.02 -0.17
C PRO A 80 -6.61 7.66 0.47
N PHE A 81 -5.79 7.67 1.51
CA PHE A 81 -5.51 6.53 2.39
C PHE A 81 -6.68 6.49 3.37
N MET A 82 -7.65 5.62 3.09
CA MET A 82 -8.94 5.68 3.74
C MET A 82 -8.88 5.72 5.26
N GLU A 83 -8.24 4.71 5.85
CA GLU A 83 -8.29 4.56 7.29
C GLU A 83 -7.35 5.49 8.01
N LEU A 84 -6.49 6.17 7.26
CA LEU A 84 -5.54 7.04 7.91
C LEU A 84 -6.22 8.30 8.40
N ILE A 85 -6.40 8.36 9.71
CA ILE A 85 -7.01 9.51 10.35
C ILE A 85 -6.04 9.89 11.42
N ILE A 86 -5.57 11.12 11.35
CA ILE A 86 -4.64 11.64 12.33
C ILE A 86 -5.17 13.01 12.68
N PRO A 87 -5.58 13.22 13.94
CA PRO A 87 -6.20 14.51 14.21
C PRO A 87 -5.25 15.66 13.92
N GLY A 88 -5.80 16.68 13.29
CA GLY A 88 -5.05 17.88 12.93
C GLY A 88 -4.27 17.73 11.64
N ILE A 89 -4.22 16.52 11.09
CA ILE A 89 -3.35 16.26 9.95
CA ILE A 89 -3.35 16.27 9.94
C ILE A 89 -4.11 15.74 8.73
N THR A 90 -4.86 14.67 8.90
CA THR A 90 -5.52 14.08 7.76
C THR A 90 -6.67 13.23 8.22
N ASN A 91 -7.64 13.04 7.35
CA ASN A 91 -8.71 12.13 7.62
C ASN A 91 -9.09 11.51 6.30
N GLY A 92 -8.63 10.29 6.07
CA GLY A 92 -8.87 9.65 4.78
C GLY A 92 -10.36 9.45 4.51
N VAL A 93 -11.11 9.12 5.56
CA VAL A 93 -12.53 8.87 5.42
C VAL A 93 -13.22 10.14 4.95
N GLU A 94 -12.92 11.24 5.62
CA GLU A 94 -13.51 12.51 5.24
C GLU A 94 -13.08 12.97 3.85
N MET A 95 -11.81 12.81 3.51
CA MET A 95 -11.35 13.15 2.17
C MET A 95 -12.08 12.35 1.11
N LEU A 96 -12.26 11.06 1.37
CA LEU A 96 -13.01 10.23 0.44
C LEU A 96 -14.49 10.58 0.37
N ASN A 97 -15.09 10.86 1.53
CA ASN A 97 -16.49 11.23 1.60
C ASN A 97 -16.74 12.42 0.67
N ASN A 98 -15.77 13.32 0.59
CA ASN A 98 -15.89 14.56 -0.18
C ASN A 98 -15.37 14.49 -1.61
N MET A 99 -14.96 13.30 -2.01
CA MET A 99 -14.38 13.10 -3.32
C MET A 99 -15.43 12.63 -4.32
N PRO A 100 -15.47 13.25 -5.52
CA PRO A 100 -16.38 12.77 -6.52
C PRO A 100 -15.94 11.41 -7.04
N SER A 101 -16.92 10.58 -7.39
CA SER A 101 -16.66 9.36 -8.12
C SER A 101 -16.15 9.69 -9.52
N PRO A 102 -15.40 8.77 -10.15
CA PRO A 102 -14.97 7.50 -9.60
C PRO A 102 -13.79 7.71 -8.66
N ARG A 103 -13.90 7.16 -7.45
CA ARG A 103 -12.85 7.34 -6.44
C ARG A 103 -11.82 6.25 -6.53
N ILE A 104 -10.57 6.62 -6.32
CA ILE A 104 -9.52 5.65 -6.12
C ILE A 104 -9.22 5.68 -4.64
N VAL A 105 -9.26 4.53 -4.01
CA VAL A 105 -9.24 4.47 -2.56
C VAL A 105 -8.04 3.63 -2.18
N LYS A 106 -7.23 4.13 -1.26
CA LYS A 106 -6.08 3.41 -0.82
C LYS A 106 -6.41 2.82 0.55
N THR A 107 -6.00 1.58 0.74
CA THR A 107 -6.06 1.03 2.09
C THR A 107 -4.89 0.10 2.33
N HIS A 108 -4.53 -0.06 3.61
CA HIS A 108 -3.65 -1.14 4.01
C HIS A 108 -4.32 -2.14 4.91
N LEU A 109 -5.63 -2.04 5.08
CA LEU A 109 -6.30 -2.88 6.05
C LEU A 109 -6.25 -4.34 5.66
N PRO A 110 -5.98 -5.21 6.65
CA PRO A 110 -6.15 -6.64 6.39
C PRO A 110 -7.61 -6.85 6.09
N VAL A 111 -7.87 -7.90 5.34
CA VAL A 111 -9.15 -8.10 4.76
C VAL A 111 -10.25 -8.12 5.82
N GLN A 112 -9.97 -8.70 6.98
CA GLN A 112 -10.99 -8.85 7.99
C GLN A 112 -11.35 -7.52 8.65
N LEU A 113 -10.53 -6.51 8.41
CA LEU A 113 -10.78 -5.19 8.95
C LEU A 113 -11.31 -4.23 7.91
N LEU A 114 -11.35 -4.66 6.66
CA LEU A 114 -11.84 -3.76 5.62
C LEU A 114 -13.27 -3.37 5.94
N PRO A 115 -13.61 -2.09 5.81
CA PRO A 115 -14.99 -1.70 6.04
C PRO A 115 -15.92 -2.52 5.17
N SER A 116 -16.96 -3.06 5.79
CA SER A 116 -17.83 -4.02 5.09
C SER A 116 -18.50 -3.42 3.85
N SER A 117 -18.60 -2.09 3.78
CA SER A 117 -19.25 -1.43 2.65
C SER A 117 -18.58 -1.82 1.35
N PHE A 118 -17.27 -2.04 1.37
CA PHE A 118 -16.61 -2.46 0.13
C PHE A 118 -17.13 -3.78 -0.39
N TRP A 119 -17.35 -4.72 0.53
CA TRP A 119 -17.92 -6.02 0.19
C TRP A 119 -19.36 -5.84 -0.28
N LYS A 120 -20.14 -5.08 0.48
CA LYS A 120 -21.54 -4.83 0.15
C LYS A 120 -21.70 -4.15 -1.21
N ASN A 121 -20.76 -3.27 -1.55
CA ASN A 121 -20.76 -2.61 -2.85
C ASN A 121 -20.05 -3.40 -3.94
N ASP A 122 -19.49 -4.55 -3.56
CA ASP A 122 -18.82 -5.43 -4.49
C ASP A 122 -17.79 -4.64 -5.31
N CYS A 123 -17.03 -3.78 -4.65
CA CYS A 123 -16.10 -2.91 -5.36
C CYS A 123 -15.02 -3.76 -5.99
N LYS A 124 -14.49 -3.26 -7.10
CA LYS A 124 -13.30 -3.82 -7.68
C LYS A 124 -12.15 -3.39 -6.80
N ILE A 125 -11.27 -4.31 -6.54
CA ILE A 125 -10.16 -4.05 -5.64
C ILE A 125 -8.92 -4.47 -6.39
N ILE A 126 -7.89 -3.65 -6.34
CA ILE A 126 -6.64 -4.06 -6.88
C ILE A 126 -5.77 -4.32 -5.69
N TYR A 127 -5.37 -5.55 -5.49
CA TYR A 127 -4.48 -5.83 -4.37
C TYR A 127 -3.08 -5.89 -4.92
N VAL A 128 -2.13 -5.27 -4.23
CA VAL A 128 -0.73 -5.45 -4.65
C VAL A 128 0.03 -6.12 -3.53
N ALA A 129 0.69 -7.22 -3.87
CA ALA A 129 1.52 -7.94 -2.94
C ALA A 129 2.93 -7.76 -3.42
N ARG A 130 3.85 -7.79 -2.48
CA ARG A 130 5.25 -7.62 -2.80
C ARG A 130 5.95 -8.60 -1.91
N ASN A 131 7.07 -9.13 -2.38
CA ASN A 131 7.70 -10.18 -1.60
C ASN A 131 8.04 -9.64 -0.22
N ALA A 132 7.81 -10.48 0.77
CA ALA A 132 7.89 -10.07 2.17
C ALA A 132 9.22 -9.47 2.53
N LYS A 133 10.30 -10.05 2.04
CA LYS A 133 11.64 -9.54 2.35
C LYS A 133 11.83 -8.11 1.88
N ASP A 134 11.43 -7.81 0.66
CA ASP A 134 11.51 -6.43 0.18
C ASP A 134 10.57 -5.51 0.94
N VAL A 135 9.41 -6.04 1.32
CA VAL A 135 8.46 -5.25 2.09
C VAL A 135 9.07 -4.86 3.42
N VAL A 136 9.61 -5.81 4.15
CA VAL A 136 10.07 -5.50 5.48
C VAL A 136 11.20 -4.47 5.43
N VAL A 137 12.07 -4.57 4.44
CA VAL A 137 13.12 -3.58 4.26
C VAL A 137 12.51 -2.21 3.96
N SER A 138 11.61 -2.15 2.99
CA SER A 138 10.95 -0.90 2.67
C SER A 138 10.25 -0.33 3.89
N TYR A 139 9.62 -1.21 4.66
CA TYR A 139 8.83 -0.82 5.80
C TYR A 139 9.71 -0.30 6.90
N TYR A 140 10.87 -0.93 7.03
CA TYR A 140 11.83 -0.50 8.02
C TYR A 140 12.20 0.96 7.80
N TYR A 141 12.60 1.31 6.59
CA TYR A 141 12.97 2.68 6.25
C TYR A 141 11.78 3.59 6.33
N PHE A 142 10.65 3.09 5.89
CA PHE A 142 9.45 3.86 6.06
C PHE A 142 9.12 4.18 7.53
N TYR A 143 9.20 3.19 8.42
CA TYR A 143 9.03 3.42 9.85
C TYR A 143 9.94 4.54 10.35
N GLN A 144 11.16 4.57 9.81
CA GLN A 144 12.10 5.60 10.22
C GLN A 144 11.64 6.97 9.78
N MET A 145 11.19 7.09 8.53
CA MET A 145 10.93 8.41 7.95
C MET A 145 9.53 8.89 8.27
N ALA A 146 8.60 7.93 8.36
CA ALA A 146 7.19 8.24 8.55
C ALA A 146 6.89 8.18 10.03
N LYS A 147 6.87 9.35 10.66
CA LYS A 147 6.94 9.50 12.13
C LYS A 147 5.70 9.05 12.87
N ILE A 148 4.60 8.84 12.16
CA ILE A 148 3.40 8.32 12.81
C ILE A 148 3.64 6.90 13.40
N HIS A 149 4.60 6.19 12.81
CA HIS A 149 4.94 4.83 13.25
C HIS A 149 5.67 4.85 14.57
N PRO A 150 5.57 3.77 15.37
CA PRO A 150 6.42 3.70 16.53
C PRO A 150 7.85 3.61 16.05
N GLU A 151 8.81 3.91 16.92
CA GLU A 151 10.20 3.70 16.57
C GLU A 151 10.40 2.28 16.13
N PRO A 152 10.99 2.07 14.94
CA PRO A 152 11.17 0.71 14.44
C PRO A 152 12.16 -0.10 15.26
N GLY A 153 13.06 0.58 15.96
CA GLY A 153 14.19 -0.04 16.62
C GLY A 153 15.29 -0.26 15.59
N THR A 154 16.18 -1.19 15.89
CA THR A 154 17.21 -1.54 14.94
C THR A 154 16.55 -2.38 13.86
N TRP A 155 17.25 -2.53 12.73
CA TRP A 155 16.77 -3.43 11.68
C TRP A 155 16.41 -4.78 12.26
N GLU A 156 17.29 -5.29 13.12
CA GLU A 156 17.10 -6.60 13.70
C GLU A 156 15.80 -6.69 14.49
N GLU A 157 15.58 -5.68 15.34
CA GLU A 157 14.39 -5.61 16.16
C GLU A 157 13.16 -5.50 15.28
N PHE A 158 13.26 -4.65 14.27
CA PHE A 158 12.14 -4.44 13.37
C PHE A 158 11.82 -5.72 12.61
N LEU A 159 12.86 -6.36 12.10
CA LEU A 159 12.69 -7.61 11.39
C LEU A 159 11.91 -8.59 12.24
N GLU A 160 12.28 -8.69 13.52
CA GLU A 160 11.58 -9.58 14.44
C GLU A 160 10.14 -9.13 14.64
N LYS A 161 9.92 -7.82 14.78
CA LYS A 161 8.55 -7.31 14.94
C LYS A 161 7.74 -7.67 13.70
N PHE A 162 8.32 -7.44 12.52
CA PHE A 162 7.65 -7.74 11.27
C PHE A 162 7.29 -9.23 11.20
N MET A 163 8.24 -10.10 11.52
CA MET A 163 7.96 -11.54 11.47
C MET A 163 6.86 -11.89 12.46
N ALA A 164 6.85 -11.20 13.60
CA ALA A 164 5.86 -11.47 14.63
C ALA A 164 4.53 -10.77 14.31
N GLY A 165 4.49 -10.00 13.23
CA GLY A 165 3.30 -9.23 12.88
C GLY A 165 3.04 -8.06 13.80
N GLN A 166 4.06 -7.69 14.58
CA GLN A 166 3.95 -6.60 15.55
CA GLN A 166 3.96 -6.60 15.56
C GLN A 166 4.38 -5.29 14.90
N VAL A 167 3.75 -5.00 13.78
CA VAL A 167 4.00 -3.80 13.02
C VAL A 167 2.66 -3.25 12.60
N SER A 168 2.66 -1.98 12.21
CA SER A 168 1.45 -1.32 11.77
C SER A 168 0.80 -2.13 10.63
N PHE A 169 -0.48 -2.39 10.80
CA PHE A 169 -1.30 -3.21 9.89
C PHE A 169 -1.10 -4.70 10.02
N GLY A 170 -0.31 -5.09 11.02
CA GLY A 170 -0.24 -6.51 11.38
C GLY A 170 0.68 -7.30 10.49
N PRO A 171 0.59 -8.64 10.57
CA PRO A 171 1.48 -9.52 9.84
C PRO A 171 1.26 -9.45 8.36
N TRP A 172 2.34 -9.27 7.62
CA TRP A 172 2.31 -9.33 6.17
C TRP A 172 1.71 -10.67 5.72
N TYR A 173 2.11 -11.75 6.40
CA TYR A 173 1.76 -13.11 5.97
C TYR A 173 0.26 -13.26 5.89
N ASP A 174 -0.41 -12.95 6.99
CA ASP A 174 -1.85 -13.04 7.08
C ASP A 174 -2.45 -12.06 6.10
N HIS A 175 -1.85 -10.88 5.97
CA HIS A 175 -2.39 -9.86 5.06
C HIS A 175 -2.49 -10.39 3.64
N VAL A 176 -1.37 -10.80 3.08
CA VAL A 176 -1.34 -11.25 1.71
C VAL A 176 -2.12 -12.54 1.53
N LYS A 177 -2.07 -13.42 2.52
CA LYS A 177 -2.74 -14.72 2.39
C LYS A 177 -4.22 -14.56 2.42
N SER A 178 -4.72 -13.72 3.34
CA SER A 178 -6.17 -13.59 3.47
C SER A 178 -6.73 -12.81 2.31
N TRP A 179 -6.02 -11.79 1.87
CA TRP A 179 -6.41 -11.09 0.64
C TRP A 179 -6.41 -11.97 -0.60
N TRP A 180 -5.43 -12.85 -0.70
CA TRP A 180 -5.36 -13.86 -1.75
C TRP A 180 -6.60 -14.76 -1.71
N GLU A 181 -6.90 -15.30 -0.54
CA GLU A 181 -8.10 -16.11 -0.34
C GLU A 181 -9.35 -15.36 -0.73
N LYS A 182 -9.39 -14.09 -0.38
CA LYS A 182 -10.55 -13.27 -0.65
C LYS A 182 -10.84 -13.09 -2.14
N ARG A 183 -9.84 -13.30 -2.99
CA ARG A 183 -10.03 -13.10 -4.41
C ARG A 183 -11.06 -14.11 -4.96
N LYS A 184 -11.35 -15.15 -4.16
CA LYS A 184 -12.39 -16.10 -4.57
CA LYS A 184 -12.38 -16.14 -4.50
C LYS A 184 -13.79 -15.58 -4.26
N GLU A 185 -13.90 -14.55 -3.42
CA GLU A 185 -15.20 -14.01 -3.05
C GLU A 185 -15.50 -12.69 -3.74
N TYR A 186 -14.47 -11.91 -4.04
CA TYR A 186 -14.66 -10.55 -4.57
C TYR A 186 -13.75 -10.32 -5.73
N ARG A 187 -14.03 -9.26 -6.48
CA ARG A 187 -13.26 -8.91 -7.67
C ARG A 187 -11.98 -8.25 -7.24
N ILE A 188 -10.98 -9.06 -7.04
CA ILE A 188 -9.69 -8.58 -6.63
C ILE A 188 -8.70 -8.95 -7.70
N LEU A 189 -8.13 -7.93 -8.33
CA LEU A 189 -7.04 -8.15 -9.25
C LEU A 189 -5.81 -8.16 -8.35
N TYR A 190 -5.22 -9.32 -8.21
CA TYR A 190 -4.17 -9.50 -7.25
C TYR A 190 -2.88 -9.40 -8.03
N LEU A 191 -2.18 -8.30 -7.81
CA LEU A 191 -0.98 -8.00 -8.57
C LEU A 191 0.23 -8.18 -7.69
N PHE A 192 1.37 -8.34 -8.33
CA PHE A 192 2.61 -8.48 -7.62
C PHE A 192 3.51 -7.39 -8.06
N TYR A 193 4.09 -6.73 -7.07
CA TYR A 193 5.02 -5.66 -7.30
C TYR A 193 6.10 -6.12 -8.28
N GLU A 194 6.57 -7.34 -8.10
CA GLU A 194 7.68 -7.90 -8.91
C GLU A 194 7.30 -8.01 -10.39
N ASP A 195 6.03 -8.31 -10.66
CA ASP A 195 5.54 -8.37 -12.03
C ASP A 195 5.47 -6.99 -12.64
N MET A 196 5.13 -6.01 -11.82
CA MET A 196 5.09 -4.64 -12.30
C MET A 196 6.50 -4.16 -12.59
N LYS A 197 7.46 -4.65 -11.82
CA LYS A 197 8.85 -4.35 -12.08
C LYS A 197 9.30 -4.96 -13.40
N GLU A 198 8.94 -6.22 -13.60
CA GLU A 198 9.43 -6.99 -14.72
C GLU A 198 8.78 -6.55 -16.02
N ASN A 199 7.47 -6.35 -15.99
CA ASN A 199 6.73 -6.03 -17.19
C ASN A 199 5.59 -5.12 -16.82
N PRO A 200 5.88 -3.82 -16.61
CA PRO A 200 4.83 -2.89 -16.19
C PRO A 200 3.73 -2.78 -17.23
N LYS A 201 4.10 -2.86 -18.50
CA LYS A 201 3.10 -2.77 -19.56
C LYS A 201 2.07 -3.88 -19.40
N CYS A 202 2.55 -5.10 -19.19
CA CYS A 202 1.67 -6.27 -19.00
C CYS A 202 0.76 -6.06 -17.80
N GLU A 203 1.33 -5.58 -16.70
CA GLU A 203 0.52 -5.34 -15.52
C GLU A 203 -0.48 -4.23 -15.69
N ILE A 204 -0.07 -3.13 -16.31
CA ILE A 204 -1.01 -2.07 -16.60
C ILE A 204 -2.12 -2.57 -17.54
N GLN A 205 -1.77 -3.40 -18.51
CA GLN A 205 -2.81 -3.98 -19.37
C GLN A 205 -3.79 -4.85 -18.57
N LYS A 206 -3.26 -5.58 -17.59
CA LYS A 206 -4.10 -6.33 -16.66
C LYS A 206 -5.03 -5.40 -15.90
N ILE A 207 -4.49 -4.29 -15.40
CA ILE A 207 -5.31 -3.28 -14.73
C ILE A 207 -6.39 -2.76 -15.68
N LEU A 208 -5.98 -2.36 -16.89
CA LEU A 208 -6.94 -1.87 -17.87
C LEU A 208 -8.07 -2.85 -18.17
N LYS A 209 -7.70 -4.11 -18.32
CA LYS A 209 -8.66 -5.19 -18.60
C LYS A 209 -9.62 -5.33 -17.43
N PHE A 210 -9.04 -5.36 -16.23
CA PHE A 210 -9.81 -5.44 -14.99
C PHE A 210 -10.75 -4.27 -14.86
N LEU A 211 -10.28 -3.09 -15.25
CA LEU A 211 -11.10 -1.89 -15.20
C LEU A 211 -12.06 -1.77 -16.37
N GLU A 212 -11.95 -2.71 -17.30
CA GLU A 212 -12.76 -2.69 -18.53
C GLU A 212 -12.53 -1.40 -19.31
N LYS A 213 -11.27 -1.01 -19.44
CA LYS A 213 -10.90 0.16 -20.24
C LYS A 213 -9.98 -0.32 -21.35
N ASP A 214 -10.22 0.20 -22.55
CA ASP A 214 -9.39 -0.05 -23.72
C ASP A 214 -8.90 1.34 -24.06
N ILE A 215 -7.58 1.53 -24.06
CA ILE A 215 -6.99 2.81 -24.38
C ILE A 215 -5.99 2.64 -25.51
N PRO A 216 -5.71 3.72 -26.27
CA PRO A 216 -4.71 3.64 -27.32
C PRO A 216 -3.34 3.22 -26.79
N GLU A 217 -2.60 2.48 -27.61
CA GLU A 217 -1.23 2.16 -27.25
C GLU A 217 -0.43 3.41 -26.81
N GLU A 218 -0.66 4.53 -27.50
CA GLU A 218 0.08 5.76 -27.18
C GLU A 218 -0.18 6.25 -25.77
N ILE A 219 -1.44 6.13 -25.34
CA ILE A 219 -1.81 6.51 -23.98
C ILE A 219 -1.24 5.51 -22.98
N LEU A 220 -1.34 4.22 -23.29
CA LEU A 220 -0.70 3.19 -22.44
C LEU A 220 0.80 3.51 -22.25
N ASN A 221 1.44 3.90 -23.34
CA ASN A 221 2.86 4.21 -23.28
C ASN A 221 3.13 5.46 -22.47
N LYS A 222 2.20 6.40 -22.56
CA LYS A 222 2.25 7.60 -21.74
C LYS A 222 2.14 7.26 -20.26
N ILE A 223 1.20 6.39 -19.95
CA ILE A 223 0.97 5.95 -18.58
C ILE A 223 2.19 5.21 -18.05
N LEU A 224 2.73 4.33 -18.89
CA LEU A 224 3.93 3.59 -18.56
C LEU A 224 5.09 4.51 -18.26
N TYR A 225 5.27 5.51 -19.10
CA TYR A 225 6.37 6.44 -18.93
C TYR A 225 6.23 7.19 -17.60
N HIS A 226 5.04 7.72 -17.35
CA HIS A 226 4.84 8.56 -16.19
C HIS A 226 4.73 7.82 -14.87
N SER A 227 4.54 6.52 -14.95
CA SER A 227 4.42 5.71 -13.73
C SER A 227 5.72 4.99 -13.44
N SER A 228 6.75 5.23 -14.27
CA SER A 228 8.06 4.68 -13.98
C SER A 228 8.62 5.29 -12.71
N PHE A 229 9.44 4.52 -12.02
CA PHE A 229 10.04 4.96 -10.78
C PHE A 229 10.83 6.25 -11.00
N SER A 230 11.57 6.32 -12.09
CA SER A 230 12.48 7.44 -12.28
C SER A 230 11.69 8.71 -12.54
N VAL A 231 10.52 8.59 -13.15
CA VAL A 231 9.63 9.76 -13.27
C VAL A 231 8.92 10.04 -11.95
N MET A 232 8.37 9.00 -11.33
CA MET A 232 7.64 9.21 -10.08
C MET A 232 8.51 9.72 -8.95
N LYS A 233 9.75 9.26 -8.91
CA LYS A 233 10.64 9.62 -7.82
C LYS A 233 10.82 11.14 -7.80
N GLU A 234 10.81 11.74 -8.99
CA GLU A 234 11.14 13.16 -9.13
C GLU A 234 9.89 14.01 -9.16
N ASN A 235 8.76 13.32 -9.16
CA ASN A 235 7.48 13.96 -9.31
C ASN A 235 6.94 14.35 -7.95
N PRO A 236 6.92 15.66 -7.64
CA PRO A 236 6.48 16.07 -6.29
C PRO A 236 5.03 15.73 -5.97
N SER A 237 4.22 15.49 -7.00
CA SER A 237 2.83 15.07 -6.79
C SER A 237 2.73 13.60 -6.47
N ALA A 238 3.83 12.87 -6.63
CA ALA A 238 3.78 11.42 -6.43
C ALA A 238 4.76 10.89 -5.39
N ASN A 239 5.75 11.69 -5.00
CA ASN A 239 6.89 11.15 -4.26
C ASN A 239 6.86 11.52 -2.78
N TYR A 240 5.72 12.06 -2.35
CA TYR A 240 5.46 12.41 -0.95
C TYR A 240 6.30 13.55 -0.38
N THR A 241 7.12 14.19 -1.21
CA THR A 241 7.97 15.28 -0.74
C THR A 241 7.18 16.53 -0.35
N THR A 242 5.89 16.55 -0.70
CA THR A 242 4.98 17.62 -0.28
C THR A 242 4.43 17.38 1.13
N MET A 243 4.69 16.20 1.68
CA MET A 243 4.39 15.89 3.07
C MET A 243 5.09 16.87 4.00
N MET A 244 4.38 17.28 5.04
CA MET A 244 5.00 17.96 6.17
C MET A 244 6.13 17.07 6.67
N LYS A 245 7.31 17.67 6.83
CA LYS A 245 8.50 16.96 7.31
C LYS A 245 8.26 16.25 8.66
N GLU A 246 7.33 16.79 9.45
CA GLU A 246 6.98 16.23 10.75
C GLU A 246 6.34 14.84 10.58
N GLU A 247 5.62 14.68 9.48
CA GLU A 247 4.98 13.40 9.18
C GLU A 247 5.93 12.48 8.42
N MET A 248 6.60 13.03 7.43
CA MET A 248 7.58 12.28 6.65
C MET A 248 8.84 13.07 6.41
N ASP A 249 9.92 12.58 6.99
CA ASP A 249 11.22 13.18 6.81
C ASP A 249 11.98 12.41 5.74
N HIS A 250 11.97 12.96 4.53
CA HIS A 250 12.60 12.31 3.38
C HIS A 250 14.11 12.30 3.49
N SER A 251 14.66 13.17 4.33
CA SER A 251 16.10 13.17 4.61
C SER A 251 16.52 11.92 5.41
N VAL A 252 15.58 11.33 6.14
CA VAL A 252 15.82 10.06 6.84
C VAL A 252 15.87 8.93 5.81
N SER A 253 14.77 8.77 5.08
CA SER A 253 14.72 7.89 3.94
C SER A 253 13.67 8.47 3.01
N PRO A 254 13.98 8.58 1.72
CA PRO A 254 12.95 9.12 0.83
C PRO A 254 11.84 8.09 0.65
N PHE A 255 10.62 8.57 0.42
CA PHE A 255 9.52 7.67 0.19
C PHE A 255 9.80 6.79 -1.03
N MET A 256 10.22 7.45 -2.12
CA MET A 256 10.63 6.75 -3.32
C MET A 256 12.09 6.40 -3.13
N ARG A 257 12.29 5.26 -2.48
CA ARG A 257 13.56 4.94 -1.88
C ARG A 257 14.49 4.34 -2.91
N LYS A 258 14.16 3.15 -3.38
CA LYS A 258 14.96 2.52 -4.43
C LYS A 258 14.10 2.05 -5.58
N GLY A 259 12.89 1.59 -5.25
CA GLY A 259 11.94 1.14 -6.26
C GLY A 259 12.40 -0.05 -7.09
N ILE A 260 13.17 -0.94 -6.47
CA ILE A 260 13.64 -2.15 -7.11
C ILE A 260 13.07 -3.37 -6.40
N SER A 261 13.25 -4.53 -7.01
CA SER A 261 12.98 -5.78 -6.33
C SER A 261 14.32 -6.36 -5.96
N GLY A 262 14.40 -7.00 -4.79
CA GLY A 262 15.66 -7.59 -4.36
C GLY A 262 16.54 -6.72 -3.47
N ASP A 263 16.00 -5.60 -3.00
CA ASP A 263 16.77 -4.79 -2.04
C ASP A 263 16.93 -5.50 -0.70
N TRP A 264 16.12 -6.52 -0.46
CA TRP A 264 16.27 -7.28 0.77
C TRP A 264 17.69 -7.83 0.89
N LYS A 265 18.32 -8.13 -0.25
CA LYS A 265 19.69 -8.66 -0.24
C LYS A 265 20.66 -7.69 0.40
N ASN A 266 20.38 -6.39 0.27
CA ASN A 266 21.21 -5.35 0.87
C ASN A 266 21.00 -5.18 2.38
N GLN A 267 19.90 -5.71 2.89
CA GLN A 267 19.51 -5.44 4.26
C GLN A 267 19.62 -6.65 5.17
N PHE A 268 19.22 -7.80 4.65
CA PHE A 268 19.19 -9.01 5.42
C PHE A 268 20.58 -9.57 5.51
N THR A 269 20.99 -9.91 6.72
CA THR A 269 22.11 -10.80 6.89
C THR A 269 21.68 -12.19 6.40
N VAL A 270 22.66 -13.00 6.02
CA VAL A 270 22.40 -14.34 5.56
C VAL A 270 21.63 -15.10 6.63
N ALA A 271 22.01 -14.92 7.90
CA ALA A 271 21.36 -15.60 9.03
C ALA A 271 19.90 -15.13 9.14
N GLN A 272 19.71 -13.83 9.05
CA GLN A 272 18.36 -13.26 9.13
C GLN A 272 17.53 -13.79 7.98
N TYR A 273 18.14 -13.91 6.81
CA TYR A 273 17.47 -14.45 5.64
C TYR A 273 17.05 -15.89 5.86
N GLU A 274 17.98 -16.72 6.34
CA GLU A 274 17.66 -18.13 6.51
C GLU A 274 16.55 -18.30 7.54
N LYS A 275 16.67 -17.58 8.66
CA LYS A 275 15.67 -17.58 9.73
C LYS A 275 14.33 -17.13 9.18
N PHE A 276 14.36 -16.08 8.36
CA PHE A 276 13.16 -15.50 7.79
C PHE A 276 12.47 -16.49 6.89
N GLU A 277 13.26 -17.15 6.05
CA GLU A 277 12.76 -18.13 5.10
C GLU A 277 12.14 -19.33 5.78
N GLU A 278 12.78 -19.81 6.83
CA GLU A 278 12.29 -20.96 7.56
C GLU A 278 10.94 -20.60 8.16
N ASP A 279 10.88 -19.43 8.78
CA ASP A 279 9.65 -18.93 9.35
C ASP A 279 8.58 -18.70 8.28
N TYR A 280 9.00 -18.12 7.16
CA TYR A 280 8.14 -17.82 6.02
C TYR A 280 7.48 -19.07 5.48
N VAL A 281 8.29 -20.11 5.27
CA VAL A 281 7.78 -21.35 4.72
C VAL A 281 6.67 -21.90 5.60
N LYS A 282 6.89 -21.87 6.91
CA LYS A 282 5.90 -22.34 7.88
C LYS A 282 4.62 -21.55 7.77
N LYS A 283 4.76 -20.23 7.70
CA LYS A 283 3.62 -19.33 7.62
C LYS A 283 2.91 -19.34 6.27
N MET A 284 3.60 -19.75 5.21
CA MET A 284 3.05 -19.62 3.86
C MET A 284 2.77 -20.91 3.12
N GLU A 285 3.33 -22.04 3.57
CA GLU A 285 3.31 -23.21 2.70
C GLU A 285 1.91 -23.72 2.41
N ASP A 286 0.99 -23.51 3.36
CA ASP A 286 -0.41 -23.88 3.19
C ASP A 286 -1.27 -22.78 2.53
N SER A 287 -0.62 -21.94 1.71
CA SER A 287 -1.29 -20.98 0.84
C SER A 287 -0.78 -21.21 -0.56
N THR A 288 -1.65 -21.09 -1.57
CA THR A 288 -1.22 -21.30 -2.95
C THR A 288 -0.57 -20.05 -3.51
N LEU A 289 -0.53 -19.02 -2.68
CA LEU A 289 0.10 -17.76 -3.05
C LEU A 289 1.59 -17.97 -3.29
N LYS A 290 2.10 -17.51 -4.44
CA LYS A 290 3.53 -17.62 -4.76
C LYS A 290 4.18 -16.31 -5.18
N PHE A 291 5.36 -16.05 -4.64
CA PHE A 291 6.11 -14.82 -4.88
C PHE A 291 7.49 -15.09 -5.47
N ARG A 292 8.06 -14.01 -6.00
CA ARG A 292 9.47 -13.97 -6.37
C ARG A 292 10.13 -12.88 -5.52
N SER A 293 11.38 -13.11 -5.14
CA SER A 293 12.11 -12.14 -4.31
C SER A 293 13.18 -11.37 -5.10
N GLU A 294 13.31 -11.70 -6.39
CA GLU A 294 14.25 -11.03 -7.30
C GLU A 294 13.66 -10.88 -8.71
S2 PPS B . 2.84 2.78 1.15
OS1 PPS B . 1.78 3.32 0.27
OS2 PPS B . 2.42 1.60 1.90
OS3 PPS B . 3.28 3.81 2.12
O6P PPS B . 4.15 2.54 0.25
P2 PPS B . 3.98 1.89 -1.19
O4P PPS B . 3.79 2.90 -2.29
O5P PPS B . 3.08 0.67 -1.02
O5' PPS B . 5.46 1.36 -1.41
C5' PPS B . 6.52 2.29 -1.48
C4' PPS B . 7.52 1.38 -2.15
O4' PPS B . 7.16 1.25 -3.52
C1' PPS B . 8.21 1.76 -4.33
N9 PPS B . 7.69 2.46 -5.50
C4 PPS B . 7.96 2.10 -6.73
N3 PPS B . 8.69 1.09 -7.29
C2 PPS B . 8.81 1.00 -8.63
N1 PPS B . 8.19 1.83 -9.48
C6 PPS B . 7.43 2.88 -9.02
N6 PPS B . 6.83 3.73 -9.88
C5 PPS B . 7.27 3.06 -7.58
N7 PPS B . 6.64 3.93 -6.78
C8 PPS B . 6.89 3.54 -5.51
C2' PPS B . 8.95 2.73 -3.41
O2' PPS B . 10.27 3.05 -3.84
C3' PPS B . 8.93 1.96 -2.11
O3' PPS B . 9.74 0.81 -2.23
P1 PPS B . 11.25 0.82 -1.69
O1P PPS B . 11.21 1.38 -0.29
O2P PPS B . 11.95 1.72 -2.68
O3P PPS B . 11.68 -0.62 -1.80
O6 4NS C . -1.02 13.26 6.05
N 4NS C . -1.21 12.39 5.21
O5 4NS C . -2.02 12.59 4.31
C4 4NS C . -0.50 11.19 5.26
C5 4NS C . -0.65 10.25 4.24
C6 4NS C . 0.06 9.05 4.29
C3 4NS C . 0.36 10.93 6.35
C2 4NS C . 1.06 9.73 6.39
C1 4NS C . 0.91 8.79 5.37
O1 4NS C . 1.60 7.60 5.40
S 4NS C . 1.86 6.92 6.87
O2 4NS C . 2.08 5.48 6.72
O3 4NS C . 0.66 7.13 7.71
O4 4NS C . 3.01 7.63 7.45
C1 GOL D . 3.58 -13.96 -10.55
O1 GOL D . 2.33 -13.44 -10.90
C2 GOL D . 3.83 -13.71 -9.06
O2 GOL D . 3.32 -14.80 -8.33
C3 GOL D . 5.32 -13.61 -8.80
O3 GOL D . 5.77 -12.31 -9.05
C1 GOL E . -9.93 -0.68 19.48
O1 GOL E . -8.60 -0.23 19.60
C2 GOL E . -10.60 -0.08 18.24
O2 GOL E . -10.63 1.32 18.35
C3 GOL E . -12.04 -0.56 18.11
O3 GOL E . -12.03 -1.79 17.41
#